data_8OWO
#
_entry.id   8OWO
#
_cell.length_a   61.080
_cell.length_b   66.140
_cell.length_c   107.280
_cell.angle_alpha   90.000
_cell.angle_beta   90.000
_cell.angle_gamma   90.000
#
_symmetry.space_group_name_H-M   'P 21 21 21'
#
loop_
_entity.id
_entity.type
_entity.pdbx_description
1 polymer 'Histone-lysine N-methyltransferase SMYD3'
2 non-polymer S-ADENOSYLMETHIONINE
3 non-polymer 'ZINC ION'
4 non-polymer 3-oxidanylbenzenecarbonitrile
5 non-polymer GLYCEROL
6 water water
#
_entity_poly.entity_id   1
_entity_poly.type   'polypeptide(L)'
_entity_poly.pdbx_seq_one_letter_code
;GSHMEPLKVEKFATANRGNGLRAVTPLRPGELLFRSDPLAYTVCKGSRGVVCDRCLLGKEKLMRCSQCRVAKYCSAKCQK
KAWPDHKRECKCLKSCKPRYPPDSVRLLGRVVFKLMDGAPSESEKLYSFYDLESNINKLTEDRKEGLRQLVMTFQHFMRE
EIQDASQLPPAFDLFEAFAKVICNSFTICNAEMQEVGVGLYPSISLLNHSCDPNCSIVFNGPHLLLRAVRDIEVGEELTI
CYLDMLMTSEERRKQLRDQYCFECDCFRCQTQDKDADMLTGDEQVWKEVQESLKKIEELKAHWKWEQVLAMCQAIISSNS
ERLPDINIYQLKVLDCAMDACINLGLLEEALFYGTRTMEPYRIFFPGSHPVRGVQVMKVGKLQLHQGMFPQAMKNLRLAF
DIMRVTHGREHSLIEDLILLLEECDANIRAS
;
_entity_poly.pdbx_strand_id   A
#
# COMPACT_ATOMS: atom_id res chain seq x y z
N PRO A 6 8.62 17.92 -19.90
CA PRO A 6 7.42 17.57 -20.67
C PRO A 6 6.73 16.33 -20.12
N LEU A 7 5.45 16.45 -19.76
CA LEU A 7 4.76 15.34 -19.13
C LEU A 7 4.19 14.37 -20.16
N LYS A 8 4.21 13.11 -19.79
CA LYS A 8 3.67 12.03 -20.58
C LYS A 8 2.20 11.78 -20.28
N VAL A 9 1.64 12.48 -19.29
CA VAL A 9 0.27 12.30 -18.82
C VAL A 9 -0.40 13.66 -18.75
N GLU A 10 -1.74 13.65 -18.85
CA GLU A 10 -2.52 14.87 -18.66
C GLU A 10 -3.85 14.56 -18.00
N LYS A 11 -4.32 15.51 -17.20
CA LYS A 11 -5.68 15.46 -16.67
C LYS A 11 -6.71 15.65 -17.78
N PHE A 12 -7.85 14.99 -17.62
CA PHE A 12 -8.98 15.21 -18.53
C PHE A 12 -10.27 14.85 -17.83
N ALA A 13 -11.37 15.27 -18.43
CA ALA A 13 -12.72 15.00 -17.94
C ALA A 13 -13.23 13.75 -18.67
N THR A 14 -13.42 12.65 -17.92
CA THR A 14 -13.94 11.43 -18.49
C THR A 14 -15.45 11.56 -18.68
N ALA A 15 -16.00 10.59 -19.40
CA ALA A 15 -17.42 10.61 -19.70
C ALA A 15 -18.27 10.22 -18.50
N ASN A 16 -17.77 9.29 -17.66
CA ASN A 16 -18.62 8.86 -16.56
C ASN A 16 -17.86 8.46 -15.30
N ARG A 17 -16.64 8.87 -15.11
CA ARG A 17 -15.97 8.62 -13.85
CA ARG A 17 -15.98 8.62 -13.84
C ARG A 17 -15.18 9.83 -13.40
N GLY A 18 -15.74 11.02 -13.62
CA GLY A 18 -15.12 12.23 -13.14
C GLY A 18 -13.88 12.57 -13.93
N ASN A 19 -12.93 13.23 -13.25
CA ASN A 19 -11.65 13.51 -13.85
C ASN A 19 -10.79 12.26 -13.85
N GLY A 20 -9.83 12.25 -14.77
CA GLY A 20 -8.93 11.12 -14.92
C GLY A 20 -7.61 11.60 -15.49
N LEU A 21 -6.71 10.64 -15.72
CA LEU A 21 -5.41 10.87 -16.34
C LEU A 21 -5.33 10.05 -17.63
N ARG A 22 -4.78 10.62 -18.69
CA ARG A 22 -4.62 9.90 -19.95
C ARG A 22 -3.24 10.18 -20.53
N ALA A 23 -2.80 9.27 -21.40
CA ALA A 23 -1.47 9.37 -21.99
C ALA A 23 -1.40 10.49 -23.02
N VAL A 24 -0.32 11.26 -22.97
CA VAL A 24 -0.04 12.29 -23.97
C VAL A 24 0.76 11.71 -25.12
N THR A 25 1.58 10.70 -24.84
CA THR A 25 2.44 10.02 -25.80
C THR A 25 2.23 8.54 -25.62
N PRO A 26 2.57 7.72 -26.63
CA PRO A 26 2.50 6.27 -26.45
C PRO A 26 3.45 5.86 -25.34
N LEU A 27 2.99 4.94 -24.50
CA LEU A 27 3.76 4.50 -23.35
C LEU A 27 4.02 3.00 -23.44
N ARG A 28 5.19 2.60 -22.99
CA ARG A 28 5.59 1.20 -22.94
C ARG A 28 5.63 0.69 -21.52
N PRO A 29 5.55 -0.63 -21.33
CA PRO A 29 5.71 -1.20 -19.98
C PRO A 29 6.99 -0.75 -19.32
N GLY A 30 6.87 -0.34 -18.07
CA GLY A 30 7.98 0.11 -17.29
C GLY A 30 8.28 1.58 -17.39
N GLU A 31 7.64 2.29 -18.31
CA GLU A 31 7.93 3.70 -18.47
C GLU A 31 7.47 4.48 -17.24
N LEU A 32 8.36 5.31 -16.71
CA LEU A 32 8.06 6.16 -15.57
C LEU A 32 7.17 7.32 -16.02
N LEU A 33 6.02 7.45 -15.39
CA LEU A 33 5.03 8.42 -15.81
C LEU A 33 4.94 9.62 -14.90
N PHE A 34 5.17 9.43 -13.60
CA PHE A 34 5.09 10.49 -12.61
C PHE A 34 5.74 10.00 -11.35
N ARG A 35 6.27 10.92 -10.57
CA ARG A 35 6.79 10.60 -9.25
C ARG A 35 6.43 11.75 -8.32
N SER A 36 6.21 11.40 -7.06
CA SER A 36 5.65 12.35 -6.12
C SER A 36 6.00 11.99 -4.68
N ASP A 37 6.38 12.99 -3.93
CA ASP A 37 6.31 12.91 -2.47
C ASP A 37 4.87 13.19 -2.06
N PRO A 38 4.47 12.82 -0.84
CA PRO A 38 3.11 13.12 -0.40
C PRO A 38 2.92 14.59 -0.13
N LEU A 39 1.67 15.05 -0.31
CA LEU A 39 1.25 16.30 0.33
C LEU A 39 1.36 16.18 1.84
N ALA A 40 0.93 15.05 2.38
CA ALA A 40 0.97 14.75 3.80
C ALA A 40 0.91 13.24 3.94
N TYR A 41 1.60 12.72 4.98
CA TYR A 41 1.57 11.31 5.29
C TYR A 41 1.87 11.10 6.77
N THR A 42 1.47 9.94 7.27
CA THR A 42 1.82 9.53 8.61
C THR A 42 2.01 8.02 8.63
N VAL A 43 2.69 7.56 9.70
CA VAL A 43 2.82 6.13 9.97
CA VAL A 43 2.81 6.13 9.96
C VAL A 43 1.45 5.59 10.38
N CYS A 44 1.20 4.31 10.06
CA CYS A 44 -0.04 3.62 10.39
CA CYS A 44 -0.09 3.75 10.43
C CYS A 44 -0.04 3.14 11.83
N LYS A 45 -1.25 2.94 12.37
CA LYS A 45 -1.42 2.53 13.75
C LYS A 45 -0.49 1.39 14.13
N GLY A 46 -0.45 0.34 13.30
CA GLY A 46 0.30 -0.85 13.67
C GLY A 46 1.80 -0.67 13.61
N SER A 47 2.28 0.20 12.73
CA SER A 47 3.71 0.42 12.57
C SER A 47 4.22 1.58 13.40
N ARG A 48 3.33 2.32 14.08
CA ARG A 48 3.75 3.38 14.99
C ARG A 48 4.75 2.82 15.98
N GLY A 49 5.93 3.44 16.04
CA GLY A 49 6.98 3.00 16.92
C GLY A 49 7.77 1.79 16.43
N VAL A 50 7.38 1.19 15.32
CA VAL A 50 8.16 0.13 14.70
C VAL A 50 9.02 0.66 13.57
N VAL A 51 8.51 1.62 12.80
CA VAL A 51 9.24 2.22 11.70
C VAL A 51 9.39 3.71 11.94
N CYS A 52 10.33 4.31 11.22
CA CYS A 52 10.65 5.72 11.40
C CYS A 52 9.49 6.56 10.90
N ASP A 53 9.04 7.53 11.73
CA ASP A 53 7.96 8.42 11.29
C ASP A 53 8.26 9.05 9.95
N ARG A 54 9.53 9.36 9.71
CA ARG A 54 9.85 10.13 8.52
C ARG A 54 10.07 9.20 7.32
N CYS A 55 11.09 8.33 7.39
CA CYS A 55 11.49 7.57 6.21
C CYS A 55 10.81 6.21 6.11
N LEU A 56 10.05 5.81 7.14
CA LEU A 56 9.21 4.60 7.12
C LEU A 56 10.02 3.32 7.00
N LEU A 57 11.29 3.37 7.39
CA LEU A 57 12.13 2.19 7.47
C LEU A 57 12.16 1.65 8.89
N GLY A 58 12.24 0.33 9.01
CA GLY A 58 12.39 -0.28 10.33
C GLY A 58 13.82 -0.17 10.86
N LYS A 59 13.93 -0.07 12.18
CA LYS A 59 15.22 -0.08 12.88
C LYS A 59 15.00 -0.79 14.20
N GLU A 60 16.07 -1.40 14.73
CA GLU A 60 15.90 -2.17 15.96
C GLU A 60 15.46 -1.27 17.11
N LYS A 61 16.09 -0.11 17.24
CA LYS A 61 15.64 0.89 18.21
C LYS A 61 15.37 2.19 17.49
N LEU A 62 14.31 2.87 17.91
CA LEU A 62 13.93 4.18 17.44
C LEU A 62 14.08 5.21 18.56
N MET A 63 14.43 6.42 18.17
CA MET A 63 14.52 7.57 19.06
C MET A 63 13.14 8.23 19.08
N ARG A 64 12.65 8.60 20.26
CA ARG A 64 11.35 9.23 20.30
C ARG A 64 11.48 10.74 20.45
N CYS A 65 10.49 11.46 19.96
CA CYS A 65 10.41 12.89 20.21
C CYS A 65 10.21 13.09 21.69
N SER A 66 11.11 13.86 22.29
CA SER A 66 11.03 14.06 23.72
C SER A 66 9.75 14.79 24.12
N GLN A 67 9.27 15.70 23.28
CA GLN A 67 8.18 16.58 23.69
C GLN A 67 6.85 15.82 23.67
N CYS A 68 6.56 15.07 22.60
CA CYS A 68 5.30 14.33 22.55
C CYS A 68 5.47 12.86 22.90
N ARG A 69 6.65 12.29 22.60
CA ARG A 69 6.94 10.88 22.81
C ARG A 69 6.03 9.97 22.01
N VAL A 70 5.45 10.49 20.94
CA VAL A 70 4.64 9.69 20.01
C VAL A 70 5.41 9.45 18.72
N ALA A 71 5.93 10.51 18.11
CA ALA A 71 6.78 10.37 16.92
C ALA A 71 8.07 9.66 17.29
N LYS A 72 8.52 8.74 16.42
CA LYS A 72 9.78 8.04 16.64
C LYS A 72 10.55 7.93 15.33
N TYR A 73 11.87 7.90 15.43
CA TYR A 73 12.73 8.18 14.29
C TYR A 73 13.91 7.23 14.26
N CYS A 74 14.48 7.05 13.06
CA CYS A 74 15.60 6.13 12.89
C CYS A 74 16.94 6.75 13.23
N SER A 75 17.01 8.06 13.32
CA SER A 75 18.25 8.79 13.26
C SER A 75 17.96 10.24 13.63
N ALA A 76 19.00 10.91 14.07
CA ALA A 76 18.89 12.35 14.32
C ALA A 76 18.53 13.09 13.05
N LYS A 77 19.08 12.65 11.90
CA LYS A 77 18.75 13.30 10.65
C LYS A 77 17.25 13.24 10.39
N CYS A 78 16.64 12.08 10.61
CA CYS A 78 15.19 11.97 10.33
C CYS A 78 14.38 12.75 11.36
N GLN A 79 14.78 12.69 12.63
CA GLN A 79 14.06 13.45 13.66
C GLN A 79 14.10 14.96 13.35
N LYS A 80 15.28 15.48 13.05
CA LYS A 80 15.39 16.90 12.76
C LYS A 80 14.64 17.27 11.49
N LYS A 81 14.81 16.50 10.41
CA LYS A 81 14.18 16.86 9.15
C LYS A 81 12.66 16.77 9.25
N ALA A 82 12.14 15.94 10.15
CA ALA A 82 10.70 15.84 10.33
C ALA A 82 10.14 16.98 11.16
N TRP A 83 11.01 17.73 11.83
CA TRP A 83 10.52 18.71 12.81
C TRP A 83 9.57 19.71 12.19
N PRO A 84 9.88 20.36 11.07
CA PRO A 84 8.94 21.35 10.53
C PRO A 84 7.53 20.80 10.33
N ASP A 85 7.39 19.60 9.78
CA ASP A 85 6.07 19.00 9.54
C ASP A 85 5.51 18.29 10.76
N HIS A 86 6.25 18.19 11.85
CA HIS A 86 5.76 17.58 13.08
C HIS A 86 5.51 18.60 14.18
N LYS A 87 6.14 19.77 14.10
CA LYS A 87 6.08 20.82 15.11
C LYS A 87 4.69 21.07 15.70
N ARG A 88 3.69 21.27 14.83
CA ARG A 88 2.38 21.68 15.30
C ARG A 88 1.57 20.48 15.79
N GLU A 89 1.69 19.33 15.12
CA GLU A 89 1.01 18.14 15.62
C GLU A 89 1.59 17.68 16.96
N CYS A 90 2.88 17.94 17.17
CA CYS A 90 3.52 17.56 18.41
C CYS A 90 2.75 18.08 19.63
N LYS A 91 2.44 19.37 19.63
CA LYS A 91 1.67 19.99 20.70
C LYS A 91 0.30 19.34 20.87
N CYS A 92 -0.30 18.87 19.77
CA CYS A 92 -1.62 18.25 19.86
C CYS A 92 -1.53 16.82 20.37
N LEU A 93 -0.56 16.05 19.87
CA LEU A 93 -0.39 14.68 20.34
C LEU A 93 -0.04 14.64 21.82
N LYS A 94 0.73 15.64 22.28
CA LYS A 94 1.06 15.75 23.70
C LYS A 94 -0.19 16.11 24.49
N SER A 95 -0.89 17.18 24.08
CA SER A 95 -2.03 17.67 24.85
C SER A 95 -3.11 16.59 25.01
N CYS A 96 -3.08 15.54 24.18
CA CYS A 96 -4.07 14.47 24.19
C CYS A 96 -3.43 13.15 24.57
N LYS A 97 -2.32 13.23 25.36
CA LYS A 97 -1.28 12.23 25.63
C LYS A 97 -1.75 10.77 25.58
N PRO A 98 -2.67 10.33 26.46
CA PRO A 98 -3.05 8.90 26.38
C PRO A 98 -3.78 8.57 25.09
N ARG A 99 -4.65 9.47 24.63
CA ARG A 99 -5.44 9.23 23.43
C ARG A 99 -4.60 9.37 22.17
N TYR A 100 -4.78 8.45 21.22
CA TYR A 100 -4.15 8.56 19.93
C TYR A 100 -5.22 8.62 18.85
N PRO A 101 -5.17 9.58 17.96
CA PRO A 101 -6.26 9.75 16.99
C PRO A 101 -6.24 8.66 15.93
N PRO A 102 -7.37 8.43 15.25
CA PRO A 102 -7.34 7.57 14.06
C PRO A 102 -6.33 8.12 13.07
N ASP A 103 -5.81 7.23 12.22
CA ASP A 103 -4.81 7.63 11.23
C ASP A 103 -5.31 8.75 10.34
N SER A 104 -6.58 8.67 9.88
CA SER A 104 -7.12 9.71 9.02
C SER A 104 -7.09 11.08 9.69
N VAL A 105 -7.27 11.13 11.01
CA VAL A 105 -7.28 12.41 11.70
C VAL A 105 -5.88 12.98 11.77
N ARG A 106 -4.90 12.13 12.11
CA ARG A 106 -3.51 12.59 12.10
C ARG A 106 -3.10 13.04 10.71
N LEU A 107 -3.53 12.29 9.68
CA LEU A 107 -3.25 12.67 8.29
C LEU A 107 -3.82 14.04 7.95
N LEU A 108 -5.10 14.27 8.26
CA LEU A 108 -5.70 15.55 7.91
C LEU A 108 -5.07 16.72 8.69
N GLY A 109 -4.69 16.50 9.94
CA GLY A 109 -3.88 17.50 10.63
C GLY A 109 -2.66 17.92 9.84
N ARG A 110 -1.94 16.94 9.32
CA ARG A 110 -0.77 17.25 8.52
C ARG A 110 -1.13 17.94 7.21
N VAL A 111 -2.27 17.59 6.60
CA VAL A 111 -2.72 18.32 5.42
C VAL A 111 -2.90 19.79 5.74
N VAL A 112 -3.63 20.09 6.82
CA VAL A 112 -3.95 21.46 7.16
C VAL A 112 -2.67 22.25 7.43
N PHE A 113 -1.76 21.68 8.21
CA PHE A 113 -0.52 22.41 8.51
C PHE A 113 0.28 22.63 7.25
N LYS A 114 0.34 21.61 6.38
CA LYS A 114 1.05 21.77 5.12
C LYS A 114 0.43 22.88 4.27
N LEU A 115 -0.92 22.93 4.20
CA LEU A 115 -1.56 23.94 3.37
C LEU A 115 -1.46 25.33 3.99
N MET A 116 -1.41 25.40 5.31
CA MET A 116 -1.35 26.69 5.99
C MET A 116 0.07 27.26 6.01
N ASP A 117 1.06 26.40 6.27
CA ASP A 117 2.41 26.84 6.57
C ASP A 117 3.44 26.51 5.50
N GLY A 118 3.14 25.59 4.61
CA GLY A 118 4.08 25.18 3.59
C GLY A 118 3.85 25.87 2.25
N ALA A 119 4.94 25.97 1.49
CA ALA A 119 4.88 26.44 0.13
C ALA A 119 4.04 25.47 -0.70
N PRO A 120 3.54 25.93 -1.84
CA PRO A 120 2.75 25.02 -2.71
C PRO A 120 3.53 23.76 -3.03
N SER A 121 2.86 22.63 -2.85
CA SER A 121 3.49 21.32 -2.93
C SER A 121 3.55 20.81 -4.37
N GLU A 122 4.70 20.27 -4.73
CA GLU A 122 4.82 19.59 -6.02
C GLU A 122 3.82 18.45 -6.15
N SER A 123 3.42 17.85 -5.04
CA SER A 123 2.42 16.78 -5.07
C SER A 123 1.08 17.24 -5.66
N GLU A 124 0.79 18.55 -5.63
CA GLU A 124 -0.45 19.05 -6.18
C GLU A 124 -0.31 19.62 -7.60
N LYS A 125 0.75 19.23 -8.32
CA LYS A 125 1.00 19.86 -9.63
C LYS A 125 -0.14 19.66 -10.61
N LEU A 126 -0.65 18.42 -10.74
CA LEU A 126 -1.72 18.15 -11.68
C LEU A 126 -3.10 18.35 -11.08
N TYR A 127 -3.23 18.33 -9.77
CA TYR A 127 -4.52 18.23 -9.07
C TYR A 127 -4.24 18.45 -7.60
N SER A 128 -5.09 19.23 -6.94
CA SER A 128 -4.84 19.65 -5.58
C SER A 128 -5.82 19.00 -4.61
N PHE A 129 -5.50 19.11 -3.32
CA PHE A 129 -6.45 18.65 -2.32
C PHE A 129 -7.80 19.33 -2.52
N TYR A 130 -7.77 20.62 -2.87
CA TYR A 130 -9.00 21.37 -3.15
C TYR A 130 -9.83 20.70 -4.22
N ASP A 131 -9.18 20.12 -5.22
CA ASP A 131 -9.83 19.54 -6.37
C ASP A 131 -10.36 18.13 -6.11
N LEU A 132 -9.92 17.47 -5.05
CA LEU A 132 -10.20 16.05 -4.90
C LEU A 132 -11.70 15.77 -4.87
N GLU A 133 -12.05 14.60 -5.37
CA GLU A 133 -13.42 14.10 -5.31
C GLU A 133 -13.81 13.75 -3.88
N SER A 134 -15.00 14.21 -3.46
CA SER A 134 -15.53 13.93 -2.13
C SER A 134 -16.65 12.91 -2.15
N ASN A 135 -17.30 12.72 -3.30
CA ASN A 135 -18.49 11.87 -3.43
C ASN A 135 -19.58 12.21 -2.43
N ILE A 136 -19.70 13.49 -2.04
CA ILE A 136 -20.62 13.78 -0.93
C ILE A 136 -22.06 13.42 -1.32
N ASN A 137 -22.42 13.52 -2.60
CA ASN A 137 -23.82 13.25 -2.92
C ASN A 137 -24.12 11.77 -3.10
N LYS A 138 -23.11 10.90 -2.91
CA LYS A 138 -23.31 9.46 -2.86
C LYS A 138 -23.18 8.84 -1.48
N LEU A 139 -22.74 9.61 -0.49
CA LEU A 139 -22.54 9.05 0.85
C LEU A 139 -23.87 8.63 1.46
N THR A 140 -23.87 7.44 2.06
CA THR A 140 -25.00 6.97 2.85
C THR A 140 -25.07 7.71 4.18
N GLU A 141 -26.25 7.68 4.79
CA GLU A 141 -26.39 8.35 6.07
C GLU A 141 -25.44 7.73 7.09
N ASP A 142 -25.19 6.43 6.96
CA ASP A 142 -24.28 5.78 7.89
C ASP A 142 -22.87 6.32 7.73
N ARG A 143 -22.43 6.51 6.48
CA ARG A 143 -21.12 7.10 6.24
C ARG A 143 -21.04 8.54 6.75
N LYS A 144 -22.08 9.33 6.49
CA LYS A 144 -22.10 10.73 6.95
C LYS A 144 -21.96 10.80 8.47
N GLU A 145 -22.62 9.90 9.18
CA GLU A 145 -22.49 9.88 10.65
C GLU A 145 -21.06 9.61 11.06
N GLY A 146 -20.42 8.67 10.38
CA GLY A 146 -19.01 8.39 10.65
C GLY A 146 -18.12 9.59 10.41
N LEU A 147 -18.40 10.33 9.34
CA LEU A 147 -17.59 11.52 9.04
C LEU A 147 -17.82 12.61 10.07
N ARG A 148 -19.05 12.74 10.58
CA ARG A 148 -19.29 13.72 11.62
C ARG A 148 -18.47 13.41 12.86
N GLN A 149 -18.32 12.13 13.18
CA GLN A 149 -17.51 11.74 14.34
C GLN A 149 -16.03 12.02 14.09
N LEU A 150 -15.54 11.75 12.87
CA LEU A 150 -14.17 12.13 12.53
C LEU A 150 -13.95 13.64 12.69
N VAL A 151 -14.90 14.45 12.21
CA VAL A 151 -14.77 15.91 12.33
C VAL A 151 -14.64 16.30 13.80
N MET A 152 -15.48 15.74 14.65
CA MET A 152 -15.42 16.08 16.06
C MET A 152 -14.13 15.57 16.69
N THR A 153 -13.66 14.39 16.24
CA THR A 153 -12.37 13.87 16.68
C THR A 153 -11.22 14.82 16.29
N PHE A 154 -11.24 15.31 15.05
CA PHE A 154 -10.25 16.31 14.61
C PHE A 154 -10.30 17.55 15.49
N GLN A 155 -11.50 18.07 15.73
CA GLN A 155 -11.61 19.31 16.51
C GLN A 155 -11.04 19.12 17.91
N HIS A 156 -11.27 17.96 18.50
CA HIS A 156 -10.73 17.67 19.81
C HIS A 156 -9.20 17.58 19.75
N PHE A 157 -8.69 16.79 18.82
CA PHE A 157 -7.25 16.53 18.77
C PHE A 157 -6.47 17.80 18.44
N MET A 158 -7.01 18.67 17.61
CA MET A 158 -6.26 19.80 17.11
C MET A 158 -6.48 21.06 17.92
N ARG A 159 -7.21 20.98 19.05
CA ARG A 159 -7.71 22.19 19.69
C ARG A 159 -6.56 23.12 20.15
N GLU A 160 -5.38 22.57 20.41
CA GLU A 160 -4.25 23.41 20.81
C GLU A 160 -3.74 24.26 19.64
N GLU A 161 -3.90 23.79 18.41
CA GLU A 161 -3.32 24.47 17.25
C GLU A 161 -4.34 25.10 16.32
N ILE A 162 -5.59 24.63 16.32
CA ILE A 162 -6.61 25.12 15.42
C ILE A 162 -7.85 25.36 16.27
N GLN A 163 -8.18 26.62 16.48
CA GLN A 163 -9.34 27.03 17.27
C GLN A 163 -10.51 27.51 16.43
N ASP A 164 -10.25 28.06 15.24
CA ASP A 164 -11.33 28.64 14.44
C ASP A 164 -10.96 28.51 12.97
N ALA A 165 -11.84 29.03 12.12
CA ALA A 165 -11.67 28.91 10.68
C ALA A 165 -10.51 29.75 10.16
N SER A 166 -10.05 30.74 10.92
CA SER A 166 -8.93 31.56 10.47
C SER A 166 -7.65 30.74 10.39
N GLN A 167 -7.61 29.60 11.07
CA GLN A 167 -6.44 28.72 11.08
C GLN A 167 -6.58 27.55 10.12
N LEU A 168 -7.67 27.50 9.35
CA LEU A 168 -7.88 26.58 8.25
C LEU A 168 -7.77 27.32 6.93
N PRO A 169 -7.43 26.64 5.84
CA PRO A 169 -7.41 27.30 4.54
C PRO A 169 -8.75 27.96 4.26
N PRO A 170 -8.80 28.84 3.28
CA PRO A 170 -10.05 29.58 3.03
C PRO A 170 -11.17 28.61 2.68
N ALA A 171 -12.36 28.84 3.26
CA ALA A 171 -13.55 28.05 2.93
C ALA A 171 -13.32 26.54 3.08
N PHE A 172 -12.35 26.16 3.93
CA PHE A 172 -12.07 24.75 4.21
C PHE A 172 -13.19 24.14 5.04
N ASP A 173 -13.75 23.04 4.57
CA ASP A 173 -14.80 22.34 5.30
C ASP A 173 -14.29 20.99 5.77
N LEU A 174 -14.30 20.77 7.09
CA LEU A 174 -13.71 19.56 7.64
C LEU A 174 -14.50 18.30 7.27
N PHE A 175 -15.82 18.40 7.15
CA PHE A 175 -16.59 17.25 6.69
C PHE A 175 -16.23 16.89 5.25
N GLU A 176 -16.17 17.88 4.37
CA GLU A 176 -15.74 17.61 2.99
C GLU A 176 -14.32 17.08 2.94
N ALA A 177 -13.44 17.63 3.76
CA ALA A 177 -12.05 17.17 3.79
C ALA A 177 -11.95 15.70 4.16
N PHE A 178 -12.65 15.24 5.20
CA PHE A 178 -12.63 13.83 5.53
C PHE A 178 -13.26 12.97 4.43
N ALA A 179 -14.33 13.46 3.79
CA ALA A 179 -14.89 12.73 2.64
C ALA A 179 -13.83 12.53 1.56
N LYS A 180 -13.03 13.55 1.28
CA LYS A 180 -11.93 13.41 0.32
C LYS A 180 -10.90 12.39 0.79
N VAL A 181 -10.60 12.39 2.09
CA VAL A 181 -9.61 11.46 2.60
C VAL A 181 -10.05 10.02 2.39
N ILE A 182 -11.35 9.74 2.58
CA ILE A 182 -11.86 8.37 2.48
C ILE A 182 -11.55 7.76 1.11
N CYS A 183 -11.83 8.49 0.04
CA CYS A 183 -11.71 7.96 -1.31
C CYS A 183 -10.45 8.41 -2.04
N ASN A 184 -9.49 9.02 -1.34
CA ASN A 184 -8.25 9.43 -1.99
C ASN A 184 -7.00 9.09 -1.17
N SER A 185 -7.12 8.32 -0.08
CA SER A 185 -5.93 7.93 0.66
C SER A 185 -5.19 6.78 -0.01
N PHE A 186 -3.88 6.88 0.05
CA PHE A 186 -2.95 5.87 -0.44
C PHE A 186 -2.34 5.14 0.75
N THR A 187 -2.36 3.81 0.68
CA THR A 187 -1.68 2.99 1.68
C THR A 187 -0.21 2.80 1.26
N ILE A 188 0.69 3.33 2.08
CA ILE A 188 2.12 3.30 1.79
C ILE A 188 2.69 1.97 2.27
N CYS A 189 3.36 1.24 1.37
CA CYS A 189 3.98 -0.05 1.66
C CYS A 189 5.50 0.08 1.63
N ASN A 190 6.16 -0.68 2.50
CA ASN A 190 7.62 -0.68 2.47
C ASN A 190 8.12 -1.58 1.35
N ALA A 191 9.44 -1.71 1.27
CA ALA A 191 10.04 -2.49 0.20
C ALA A 191 9.55 -3.93 0.21
N GLU A 192 9.24 -4.47 1.39
CA GLU A 192 8.76 -5.84 1.50
C GLU A 192 7.26 -5.95 1.27
N MET A 193 6.61 -4.85 0.91
CA MET A 193 5.18 -4.78 0.62
C MET A 193 4.31 -4.86 1.88
N GLN A 194 4.90 -4.58 3.04
CA GLN A 194 4.19 -4.43 4.30
C GLN A 194 3.59 -3.02 4.38
N GLU A 195 2.31 -2.92 4.74
CA GLU A 195 1.72 -1.60 4.92
C GLU A 195 2.37 -0.89 6.11
N VAL A 196 2.86 0.34 5.90
CA VAL A 196 3.52 1.08 6.97
C VAL A 196 2.99 2.49 7.17
N GLY A 197 2.20 3.02 6.22
CA GLY A 197 1.73 4.38 6.39
C GLY A 197 0.57 4.70 5.49
N VAL A 198 0.08 5.93 5.61
CA VAL A 198 -1.00 6.42 4.76
C VAL A 198 -0.66 7.84 4.33
N GLY A 199 -0.94 8.15 3.07
CA GLY A 199 -0.62 9.45 2.55
C GLY A 199 -1.59 9.93 1.50
N LEU A 200 -1.55 11.24 1.25
CA LEU A 200 -2.28 11.86 0.17
C LEU A 200 -1.27 12.31 -0.88
N TYR A 201 -1.57 11.99 -2.13
CA TYR A 201 -0.78 12.31 -3.31
C TYR A 201 -1.76 12.85 -4.36
N PRO A 202 -2.16 14.12 -4.25
CA PRO A 202 -3.36 14.56 -5.02
C PRO A 202 -3.22 14.42 -6.53
N SER A 203 -2.03 14.64 -7.11
CA SER A 203 -1.85 14.43 -8.54
C SER A 203 -2.11 12.98 -8.93
N ILE A 204 -1.63 12.03 -8.11
CA ILE A 204 -1.83 10.60 -8.36
C ILE A 204 -3.29 10.21 -8.17
N SER A 205 -4.03 10.99 -7.36
CA SER A 205 -5.45 10.73 -7.18
C SER A 205 -6.28 10.96 -8.45
N LEU A 206 -5.72 11.53 -9.52
CA LEU A 206 -6.48 11.58 -10.76
C LEU A 206 -6.73 10.20 -11.36
N LEU A 207 -5.92 9.21 -11.02
CA LEU A 207 -6.05 7.91 -11.67
C LEU A 207 -7.31 7.19 -11.21
N ASN A 208 -8.19 6.85 -12.15
CA ASN A 208 -9.30 5.98 -11.85
C ASN A 208 -8.86 4.52 -11.73
N HIS A 209 -9.78 3.72 -11.19
CA HIS A 209 -9.57 2.31 -10.88
C HIS A 209 -9.90 1.37 -12.03
N SER A 210 -9.13 0.29 -12.14
CA SER A 210 -9.50 -0.86 -12.96
C SER A 210 -9.05 -2.14 -12.27
N CYS A 211 -9.90 -3.17 -12.35
CA CYS A 211 -9.55 -4.49 -11.86
C CYS A 211 -8.55 -5.22 -12.76
N ASP A 212 -8.19 -4.59 -13.88
CA ASP A 212 -7.15 -5.11 -14.78
C ASP A 212 -6.44 -3.89 -15.36
N PRO A 213 -5.59 -3.23 -14.57
CA PRO A 213 -5.10 -1.90 -14.90
C PRO A 213 -3.92 -1.90 -15.88
N ASN A 214 -3.68 -0.71 -16.45
CA ASN A 214 -2.52 -0.54 -17.33
C ASN A 214 -1.37 0.22 -16.69
N CYS A 215 -1.54 0.69 -15.45
CA CYS A 215 -0.45 1.29 -14.69
C CYS A 215 -0.39 0.70 -13.29
N SER A 216 0.71 1.01 -12.61
CA SER A 216 0.94 0.54 -11.25
C SER A 216 1.72 1.60 -10.49
N ILE A 217 1.46 1.68 -9.19
CA ILE A 217 2.25 2.50 -8.29
C ILE A 217 3.06 1.61 -7.36
N VAL A 218 4.23 2.12 -6.97
CA VAL A 218 5.09 1.51 -5.98
C VAL A 218 5.66 2.62 -5.10
N PHE A 219 5.94 2.27 -3.84
CA PHE A 219 6.48 3.19 -2.86
C PHE A 219 7.93 2.85 -2.56
N ASN A 220 8.74 3.88 -2.49
CA ASN A 220 10.11 3.79 -2.01
C ASN A 220 10.19 4.75 -0.81
N GLY A 221 10.00 4.23 0.39
CA GLY A 221 9.70 5.08 1.52
C GLY A 221 8.41 5.85 1.25
N PRO A 222 8.34 7.14 1.64
CA PRO A 222 7.14 7.93 1.30
C PRO A 222 7.05 8.29 -0.17
N HIS A 223 8.08 8.03 -0.97
CA HIS A 223 8.11 8.50 -2.36
C HIS A 223 7.34 7.52 -3.26
N LEU A 224 6.50 8.08 -4.14
CA LEU A 224 5.64 7.27 -5.01
C LEU A 224 6.10 7.34 -6.46
N LEU A 225 6.26 6.18 -7.09
CA LEU A 225 6.54 6.06 -8.51
C LEU A 225 5.33 5.50 -9.23
N LEU A 226 4.91 6.17 -10.30
CA LEU A 226 3.83 5.70 -11.17
C LEU A 226 4.44 5.21 -12.48
N ARG A 227 4.17 3.95 -12.85
CA ARG A 227 4.74 3.36 -14.05
C ARG A 227 3.66 2.72 -14.91
N ALA A 228 3.85 2.74 -16.23
CA ALA A 228 3.01 1.93 -17.09
C ALA A 228 3.40 0.46 -16.93
N VAL A 229 2.41 -0.44 -16.99
CA VAL A 229 2.65 -1.88 -16.96
C VAL A 229 2.06 -2.60 -18.18
N ARG A 230 1.52 -1.85 -19.14
CA ARG A 230 1.06 -2.34 -20.42
C ARG A 230 1.50 -1.32 -21.47
N ASP A 231 1.40 -1.70 -22.75
CA ASP A 231 1.46 -0.68 -23.78
C ASP A 231 0.22 0.21 -23.69
N ILE A 232 0.39 1.52 -23.84
CA ILE A 232 -0.72 2.44 -23.76
C ILE A 232 -0.65 3.41 -24.95
N GLU A 233 -1.79 3.66 -25.57
CA GLU A 233 -1.89 4.54 -26.72
C GLU A 233 -2.12 5.98 -26.31
N VAL A 234 -1.73 6.91 -27.19
CA VAL A 234 -2.08 8.30 -26.97
CA VAL A 234 -2.08 8.30 -26.99
C VAL A 234 -3.58 8.40 -26.73
N GLY A 235 -3.96 9.17 -25.71
CA GLY A 235 -5.34 9.42 -25.38
C GLY A 235 -6.00 8.36 -24.52
N GLU A 236 -5.37 7.22 -24.32
CA GLU A 236 -5.96 6.16 -23.52
C GLU A 236 -5.91 6.52 -22.03
N GLU A 237 -6.98 6.22 -21.32
CA GLU A 237 -7.01 6.51 -19.90
C GLU A 237 -6.04 5.61 -19.15
N LEU A 238 -5.35 6.22 -18.18
CA LEU A 238 -4.45 5.50 -17.28
C LEU A 238 -5.23 5.04 -16.06
N THR A 239 -5.06 3.77 -15.68
CA THR A 239 -5.75 3.22 -14.52
C THR A 239 -4.78 2.49 -13.61
N ILE A 240 -5.13 2.41 -12.33
CA ILE A 240 -4.42 1.57 -11.38
C ILE A 240 -5.50 0.76 -10.68
N CYS A 241 -5.11 -0.36 -10.08
CA CYS A 241 -6.05 -1.15 -9.28
C CYS A 241 -5.99 -0.63 -7.83
N TYR A 242 -7.11 -0.12 -7.33
CA TYR A 242 -7.14 0.39 -5.97
C TYR A 242 -7.04 -0.72 -4.92
N LEU A 243 -7.25 -1.97 -5.31
CA LEU A 243 -7.55 -3.05 -4.40
C LEU A 243 -6.54 -4.19 -4.47
N ASP A 244 -6.36 -4.88 -3.34
CA ASP A 244 -5.66 -6.17 -3.27
C ASP A 244 -6.16 -7.10 -4.36
N MET A 245 -5.23 -7.78 -5.05
CA MET A 245 -5.66 -8.66 -6.13
C MET A 245 -6.33 -9.93 -5.61
N LEU A 246 -6.05 -10.29 -4.36
CA LEU A 246 -6.62 -11.51 -3.79
C LEU A 246 -7.97 -11.21 -3.13
N MET A 247 -8.94 -10.90 -4.00
CA MET A 247 -10.31 -10.50 -3.64
C MET A 247 -11.25 -11.03 -4.72
N THR A 248 -12.41 -11.52 -4.32
CA THR A 248 -13.46 -11.87 -5.27
C THR A 248 -14.18 -10.63 -5.78
N SER A 249 -14.92 -10.80 -6.88
CA SER A 249 -15.71 -9.70 -7.44
C SER A 249 -16.72 -9.18 -6.42
N GLU A 250 -17.28 -10.06 -5.57
CA GLU A 250 -18.18 -9.60 -4.52
C GLU A 250 -17.44 -8.75 -3.49
N GLU A 251 -16.24 -9.16 -3.09
CA GLU A 251 -15.46 -8.38 -2.15
C GLU A 251 -15.04 -7.05 -2.77
N ARG A 252 -14.70 -7.07 -4.05
CA ARG A 252 -14.35 -5.82 -4.71
C ARG A 252 -15.56 -4.89 -4.78
N ARG A 253 -16.72 -5.45 -5.11
CA ARG A 253 -17.94 -4.63 -5.14
C ARG A 253 -18.18 -3.91 -3.81
N LYS A 254 -18.08 -4.64 -2.71
CA LYS A 254 -18.32 -4.06 -1.40
C LYS A 254 -17.36 -2.92 -1.12
N GLN A 255 -16.08 -3.11 -1.43
CA GLN A 255 -15.12 -2.09 -1.01
C GLN A 255 -15.18 -0.88 -1.94
N LEU A 256 -15.44 -1.10 -3.22
CA LEU A 256 -15.58 0.01 -4.16
C LEU A 256 -16.85 0.80 -3.91
N ARG A 257 -17.93 0.16 -3.47
CA ARG A 257 -19.08 0.92 -2.98
C ARG A 257 -18.77 1.66 -1.68
N ASP A 258 -18.29 0.93 -0.68
CA ASP A 258 -18.20 1.50 0.67
C ASP A 258 -17.18 2.62 0.75
N GLN A 259 -16.03 2.46 0.11
CA GLN A 259 -14.94 3.43 0.20
C GLN A 259 -14.95 4.43 -0.95
N TYR A 260 -15.32 3.99 -2.15
CA TYR A 260 -15.17 4.83 -3.33
C TYR A 260 -16.47 5.22 -4.01
N CYS A 261 -17.60 4.74 -3.52
CA CYS A 261 -18.92 5.09 -4.09
C CYS A 261 -19.00 4.92 -5.60
N PHE A 262 -18.59 3.75 -6.11
CA PHE A 262 -18.93 3.43 -7.50
C PHE A 262 -19.08 1.93 -7.69
N GLU A 263 -19.75 1.61 -8.80
CA GLU A 263 -20.02 0.25 -9.24
C GLU A 263 -19.09 -0.05 -10.40
N CYS A 264 -18.43 -1.20 -10.37
CA CYS A 264 -17.45 -1.50 -11.41
C CYS A 264 -18.08 -2.33 -12.50
N ASP A 265 -17.95 -1.85 -13.74
CA ASP A 265 -18.56 -2.39 -14.95
C ASP A 265 -17.62 -3.28 -15.74
N CYS A 266 -16.40 -3.53 -15.26
CA CYS A 266 -15.37 -4.10 -16.13
C CYS A 266 -15.67 -5.55 -16.50
N PHE A 267 -14.87 -6.07 -17.42
CA PHE A 267 -15.05 -7.45 -17.85
C PHE A 267 -14.92 -8.41 -16.67
N ARG A 268 -13.94 -8.16 -15.78
CA ARG A 268 -13.70 -9.09 -14.67
C ARG A 268 -14.87 -9.10 -13.72
N CYS A 269 -15.46 -7.93 -13.47
CA CYS A 269 -16.59 -7.91 -12.56
C CYS A 269 -17.84 -8.49 -13.22
N GLN A 270 -18.06 -8.21 -14.52
CA GLN A 270 -19.21 -8.79 -15.18
C GLN A 270 -19.17 -10.31 -15.27
N THR A 271 -17.98 -10.93 -15.32
CA THR A 271 -17.86 -12.37 -15.49
C THR A 271 -17.38 -13.10 -14.24
N GLN A 272 -17.27 -12.41 -13.12
CA GLN A 272 -16.74 -13.00 -11.91
C GLN A 272 -15.40 -13.65 -12.18
N ASP A 273 -14.60 -13.02 -13.02
CA ASP A 273 -13.30 -13.56 -13.43
C ASP A 273 -12.45 -13.99 -12.23
N LYS A 274 -12.09 -15.28 -12.22
CA LYS A 274 -11.23 -15.97 -11.27
C LYS A 274 -11.92 -16.30 -9.94
N ASP A 275 -13.17 -15.84 -9.72
CA ASP A 275 -13.81 -16.06 -8.41
C ASP A 275 -13.86 -17.54 -8.05
N ALA A 276 -14.27 -18.37 -9.00
CA ALA A 276 -14.45 -19.79 -8.71
C ALA A 276 -13.17 -20.41 -8.19
N ASP A 277 -12.05 -20.19 -8.92
CA ASP A 277 -10.76 -20.73 -8.51
C ASP A 277 -10.33 -20.21 -7.15
N MET A 278 -10.56 -18.91 -6.90
CA MET A 278 -10.22 -18.26 -5.64
C MET A 278 -10.90 -18.91 -4.45
N LEU A 279 -12.08 -19.49 -4.66
CA LEU A 279 -12.86 -20.07 -3.57
C LEU A 279 -12.95 -21.59 -3.64
N THR A 280 -11.94 -22.23 -4.22
CA THR A 280 -11.95 -23.68 -4.24
C THR A 280 -11.67 -24.25 -2.84
N GLY A 281 -12.06 -25.50 -2.64
CA GLY A 281 -11.97 -26.14 -1.34
C GLY A 281 -13.28 -26.06 -0.60
N ASP A 282 -13.25 -26.54 0.64
CA ASP A 282 -14.49 -26.68 1.40
C ASP A 282 -14.88 -25.35 2.04
N GLU A 283 -16.12 -24.95 1.80
CA GLU A 283 -16.56 -23.62 2.20
C GLU A 283 -16.45 -23.41 3.69
N GLN A 284 -16.83 -24.40 4.51
CA GLN A 284 -16.76 -24.19 5.95
C GLN A 284 -15.32 -23.99 6.40
N VAL A 285 -14.39 -24.69 5.78
CA VAL A 285 -13.00 -24.48 6.12
C VAL A 285 -12.58 -23.07 5.74
N TRP A 286 -12.84 -22.62 4.51
CA TRP A 286 -12.26 -21.33 4.16
C TRP A 286 -13.01 -20.19 4.83
N LYS A 287 -14.27 -20.39 5.21
CA LYS A 287 -14.92 -19.36 6.00
C LYS A 287 -14.26 -19.22 7.38
N GLU A 288 -13.84 -20.35 7.98
CA GLU A 288 -13.11 -20.28 9.24
C GLU A 288 -11.75 -19.59 9.07
N VAL A 289 -11.04 -19.93 7.99
CA VAL A 289 -9.75 -19.30 7.72
C VAL A 289 -9.91 -17.81 7.47
N GLN A 290 -10.91 -17.43 6.68
CA GLN A 290 -11.18 -16.02 6.47
C GLN A 290 -11.43 -15.31 7.80
N GLU A 291 -12.18 -15.96 8.70
CA GLU A 291 -12.42 -15.35 10.01
C GLU A 291 -11.12 -15.23 10.80
N SER A 292 -10.29 -16.29 10.80
CA SER A 292 -9.01 -16.25 11.50
C SER A 292 -8.06 -15.22 10.92
N LEU A 293 -8.14 -14.95 9.60
CA LEU A 293 -7.25 -13.97 8.98
C LEU A 293 -7.48 -12.57 9.54
N LYS A 294 -8.66 -12.28 10.07
CA LYS A 294 -8.87 -10.97 10.69
C LYS A 294 -7.82 -10.75 11.80
N LYS A 295 -7.62 -11.74 12.66
CA LYS A 295 -6.65 -11.56 13.73
C LYS A 295 -5.22 -11.75 13.21
N ILE A 296 -5.00 -12.68 12.28
CA ILE A 296 -3.66 -12.84 11.75
C ILE A 296 -3.17 -11.54 11.11
N GLU A 297 -4.06 -10.86 10.38
CA GLU A 297 -3.65 -9.66 9.66
C GLU A 297 -3.47 -8.50 10.63
N GLU A 298 -4.28 -8.47 11.69
CA GLU A 298 -4.07 -7.52 12.78
C GLU A 298 -2.70 -7.71 13.44
N LEU A 299 -2.40 -8.94 13.86
CA LEU A 299 -1.08 -9.23 14.42
C LEU A 299 0.04 -8.84 13.47
N LYS A 300 -0.11 -9.14 12.17
CA LYS A 300 0.94 -8.81 11.22
C LYS A 300 1.14 -7.31 11.11
N ALA A 301 0.06 -6.55 11.07
CA ALA A 301 0.15 -5.10 10.98
C ALA A 301 0.88 -4.50 12.18
N HIS A 302 0.90 -5.19 13.30
CA HIS A 302 1.66 -4.78 14.46
C HIS A 302 3.00 -5.49 14.57
N TRP A 303 3.40 -6.20 13.51
CA TRP A 303 4.72 -6.83 13.42
C TRP A 303 4.93 -7.90 14.49
N LYS A 304 3.84 -8.56 14.91
CA LYS A 304 3.91 -9.64 15.91
C LYS A 304 4.15 -10.99 15.25
N TRP A 305 5.38 -11.20 14.77
CA TRP A 305 5.64 -12.33 13.87
C TRP A 305 5.48 -13.68 14.56
N GLU A 306 5.96 -13.83 15.80
CA GLU A 306 5.82 -15.13 16.46
C GLU A 306 4.35 -15.54 16.55
N GLN A 307 3.48 -14.59 16.91
CA GLN A 307 2.07 -14.89 17.04
C GLN A 307 1.42 -15.13 15.66
N VAL A 308 1.85 -14.39 14.64
CA VAL A 308 1.39 -14.64 13.27
C VAL A 308 1.68 -16.08 12.90
N LEU A 309 2.94 -16.50 13.10
CA LEU A 309 3.37 -17.81 12.65
C LEU A 309 2.60 -18.91 13.34
N ALA A 310 2.41 -18.79 14.65
CA ALA A 310 1.68 -19.83 15.37
C ALA A 310 0.26 -19.98 14.83
N MET A 311 -0.44 -18.87 14.57
CA MET A 311 -1.79 -19.01 14.02
C MET A 311 -1.77 -19.59 12.60
N CYS A 312 -0.77 -19.22 11.79
CA CYS A 312 -0.71 -19.72 10.43
C CYS A 312 -0.39 -21.22 10.41
N GLN A 313 0.54 -21.66 11.26
CA GLN A 313 0.90 -23.08 11.30
C GLN A 313 -0.30 -23.93 11.69
N ALA A 314 -1.15 -23.39 12.57
CA ALA A 314 -2.36 -24.10 12.98
C ALA A 314 -3.31 -24.32 11.82
N ILE A 315 -3.22 -23.52 10.77
CA ILE A 315 -4.06 -23.70 9.57
C ILE A 315 -3.33 -24.51 8.52
N ILE A 316 -2.10 -24.12 8.19
CA ILE A 316 -1.36 -24.77 7.13
C ILE A 316 -1.12 -26.24 7.45
N SER A 317 -0.78 -26.54 8.70
CA SER A 317 -0.53 -27.91 9.12
C SER A 317 -1.61 -28.41 10.07
N SER A 318 -2.84 -28.01 9.81
CA SER A 318 -3.96 -28.38 10.68
C SER A 318 -4.16 -29.89 10.71
N ASN A 319 -4.60 -30.39 11.87
CA ASN A 319 -5.02 -31.78 11.93
C ASN A 319 -6.34 -31.99 11.20
N SER A 320 -7.13 -30.94 11.10
CA SER A 320 -8.41 -30.97 10.44
C SER A 320 -8.24 -30.56 8.98
N GLU A 321 -9.37 -30.41 8.28
CA GLU A 321 -9.42 -30.34 6.83
C GLU A 321 -8.64 -29.12 6.33
N ARG A 322 -8.02 -29.26 5.17
CA ARG A 322 -7.12 -28.26 4.62
C ARG A 322 -7.65 -27.75 3.28
N LEU A 323 -7.10 -26.62 2.87
CA LEU A 323 -7.48 -25.94 1.65
C LEU A 323 -6.40 -26.04 0.58
N PRO A 324 -6.81 -25.95 -0.69
CA PRO A 324 -5.83 -25.82 -1.78
C PRO A 324 -5.13 -24.48 -1.71
N ASP A 325 -3.88 -24.45 -2.19
CA ASP A 325 -3.09 -23.21 -2.09
C ASP A 325 -3.62 -22.12 -3.01
N ILE A 326 -4.43 -22.44 -4.00
CA ILE A 326 -5.01 -21.38 -4.83
CA ILE A 326 -5.06 -21.43 -4.85
C ILE A 326 -6.23 -20.76 -4.17
N ASN A 327 -6.74 -21.32 -3.08
CA ASN A 327 -7.81 -20.63 -2.35
C ASN A 327 -7.22 -19.36 -1.75
N ILE A 328 -7.88 -18.21 -1.94
CA ILE A 328 -7.20 -16.95 -1.62
C ILE A 328 -6.98 -16.79 -0.11
N TYR A 329 -7.85 -17.37 0.72
CA TYR A 329 -7.64 -17.26 2.17
C TYR A 329 -6.47 -18.15 2.63
N GLN A 330 -6.39 -19.37 2.11
CA GLN A 330 -5.20 -20.19 2.27
C GLN A 330 -3.95 -19.46 1.78
N LEU A 331 -4.04 -18.82 0.63
CA LEU A 331 -2.86 -18.16 0.07
C LEU A 331 -2.41 -17.01 0.96
N LYS A 332 -3.36 -16.24 1.48
CA LYS A 332 -3.00 -15.16 2.38
C LYS A 332 -2.29 -15.70 3.61
N VAL A 333 -2.76 -16.84 4.12
CA VAL A 333 -2.14 -17.44 5.29
C VAL A 333 -0.71 -17.88 4.97
N LEU A 334 -0.51 -18.51 3.82
CA LEU A 334 0.85 -18.91 3.44
C LEU A 334 1.77 -17.69 3.35
N ASP A 335 1.27 -16.59 2.77
CA ASP A 335 2.10 -15.40 2.63
C ASP A 335 2.44 -14.80 3.99
N CYS A 336 1.47 -14.70 4.90
CA CYS A 336 1.77 -14.25 6.27
C CYS A 336 2.78 -15.18 6.94
N ALA A 337 2.61 -16.51 6.79
CA ALA A 337 3.57 -17.42 7.39
C ALA A 337 4.97 -17.23 6.82
N MET A 338 5.08 -17.00 5.51
CA MET A 338 6.42 -16.87 4.96
C MET A 338 7.07 -15.57 5.45
N ASP A 339 6.31 -14.47 5.48
CA ASP A 339 6.86 -13.22 5.98
C ASP A 339 7.24 -13.32 7.46
N ALA A 340 6.43 -13.99 8.27
CA ALA A 340 6.79 -14.22 9.66
C ALA A 340 8.10 -15.02 9.75
N CYS A 341 8.21 -16.11 8.96
CA CYS A 341 9.42 -16.93 9.04
C CYS A 341 10.66 -16.16 8.62
N ILE A 342 10.54 -15.34 7.58
CA ILE A 342 11.69 -14.52 7.16
C ILE A 342 12.13 -13.62 8.30
N ASN A 343 11.18 -12.87 8.88
CA ASN A 343 11.51 -11.92 9.94
C ASN A 343 11.99 -12.63 11.20
N LEU A 344 11.66 -13.91 11.37
CA LEU A 344 12.15 -14.68 12.48
C LEU A 344 13.41 -15.46 12.17
N GLY A 345 13.94 -15.39 10.95
CA GLY A 345 15.12 -16.13 10.58
C GLY A 345 14.92 -17.61 10.32
N LEU A 346 13.67 -18.08 10.18
CA LEU A 346 13.37 -19.48 9.89
C LEU A 346 13.31 -19.64 8.37
N LEU A 347 14.47 -19.71 7.76
CA LEU A 347 14.52 -19.51 6.32
C LEU A 347 14.15 -20.76 5.54
N GLU A 348 14.39 -21.96 6.10
CA GLU A 348 13.95 -23.16 5.41
C GLU A 348 12.43 -23.22 5.34
N GLU A 349 11.78 -22.90 6.45
CA GLU A 349 10.32 -22.94 6.52
C GLU A 349 9.72 -21.83 5.67
N ALA A 350 10.39 -20.65 5.62
CA ALA A 350 9.89 -19.55 4.81
C ALA A 350 9.88 -19.94 3.34
N LEU A 351 10.95 -20.59 2.89
CA LEU A 351 11.03 -21.02 1.51
C LEU A 351 9.92 -22.00 1.19
N PHE A 352 9.61 -22.91 2.11
CA PHE A 352 8.54 -23.86 1.87
C PHE A 352 7.22 -23.15 1.58
N TYR A 353 6.80 -22.24 2.47
CA TYR A 353 5.57 -21.48 2.24
C TYR A 353 5.69 -20.62 1.00
N GLY A 354 6.80 -19.91 0.86
CA GLY A 354 6.97 -19.06 -0.31
C GLY A 354 6.89 -19.81 -1.64
N THR A 355 7.58 -20.95 -1.78
CA THR A 355 7.48 -21.64 -3.06
CA THR A 355 7.49 -21.70 -3.03
C THR A 355 6.05 -22.10 -3.33
N ARG A 356 5.29 -22.44 -2.30
CA ARG A 356 3.90 -22.85 -2.50
C ARG A 356 3.04 -21.72 -3.07
N THR A 357 3.39 -20.46 -2.78
CA THR A 357 2.63 -19.32 -3.31
C THR A 357 2.96 -18.99 -4.77
N MET A 358 4.03 -19.54 -5.34
CA MET A 358 4.48 -19.08 -6.65
C MET A 358 3.42 -19.32 -7.74
N GLU A 359 2.84 -20.52 -7.84
CA GLU A 359 1.94 -20.75 -8.94
C GLU A 359 0.64 -19.97 -8.70
N PRO A 360 0.06 -19.98 -7.49
CA PRO A 360 -1.11 -19.11 -7.28
C PRO A 360 -0.82 -17.64 -7.59
N TYR A 361 0.38 -17.14 -7.26
CA TYR A 361 0.71 -15.74 -7.55
C TYR A 361 0.82 -15.52 -9.05
N ARG A 362 1.33 -16.51 -9.77
CA ARG A 362 1.39 -16.37 -11.22
C ARG A 362 0.00 -16.17 -11.80
N ILE A 363 -0.99 -16.87 -11.25
CA ILE A 363 -2.36 -16.81 -11.77
C ILE A 363 -3.05 -15.52 -11.37
N PHE A 364 -2.91 -15.10 -10.11
CA PHE A 364 -3.71 -14.01 -9.55
C PHE A 364 -3.07 -12.65 -9.73
N PHE A 365 -1.82 -12.58 -10.19
CA PHE A 365 -1.13 -11.31 -10.43
C PHE A 365 -0.65 -11.31 -11.89
N PRO A 366 -1.58 -11.32 -12.85
CA PRO A 366 -1.18 -11.44 -14.26
C PRO A 366 -0.37 -10.23 -14.72
N GLY A 367 0.49 -10.48 -15.71
CA GLY A 367 1.27 -9.38 -16.24
C GLY A 367 2.40 -9.00 -15.31
N SER A 368 2.60 -7.70 -15.13
CA SER A 368 3.65 -7.17 -14.28
C SER A 368 2.98 -6.47 -13.09
N HIS A 369 3.09 -7.08 -11.91
CA HIS A 369 2.50 -6.55 -10.68
C HIS A 369 3.60 -6.54 -9.61
N PRO A 370 3.80 -5.41 -8.93
CA PRO A 370 4.89 -5.34 -7.95
C PRO A 370 4.79 -6.33 -6.82
N VAL A 371 3.58 -6.73 -6.42
CA VAL A 371 3.46 -7.68 -5.32
C VAL A 371 4.05 -9.03 -5.73
N ARG A 372 3.80 -9.46 -6.97
CA ARG A 372 4.37 -10.72 -7.43
C ARG A 372 5.89 -10.59 -7.61
N GLY A 373 6.33 -9.47 -8.19
CA GLY A 373 7.76 -9.26 -8.34
C GLY A 373 8.50 -9.39 -7.04
N VAL A 374 7.97 -8.77 -5.97
CA VAL A 374 8.62 -8.83 -4.68
C VAL A 374 8.56 -10.24 -4.10
N GLN A 375 7.43 -10.92 -4.30
CA GLN A 375 7.32 -12.29 -3.76
C GLN A 375 8.33 -13.20 -4.43
N VAL A 376 8.47 -13.06 -5.74
CA VAL A 376 9.43 -13.90 -6.46
C VAL A 376 10.86 -13.58 -6.02
N MET A 377 11.16 -12.29 -5.87
CA MET A 377 12.44 -11.86 -5.33
C MET A 377 12.74 -12.55 -4.02
N LYS A 378 11.76 -12.53 -3.08
CA LYS A 378 11.98 -13.10 -1.76
C LYS A 378 12.28 -14.60 -1.84
N VAL A 379 11.56 -15.32 -2.70
CA VAL A 379 11.80 -16.75 -2.91
C VAL A 379 13.19 -16.98 -3.50
N GLY A 380 13.51 -16.23 -4.54
CA GLY A 380 14.86 -16.35 -5.10
C GLY A 380 15.95 -16.08 -4.07
N LYS A 381 15.77 -15.04 -3.27
CA LYS A 381 16.75 -14.75 -2.22
C LYS A 381 16.86 -15.90 -1.24
N LEU A 382 15.72 -16.51 -0.86
CA LEU A 382 15.78 -17.64 0.04
C LEU A 382 16.55 -18.79 -0.60
N GLN A 383 16.30 -19.05 -1.88
CA GLN A 383 17.00 -20.13 -2.57
C GLN A 383 18.49 -19.81 -2.73
N LEU A 384 18.83 -18.57 -3.06
CA LEU A 384 20.25 -18.20 -3.17
C LEU A 384 21.01 -18.51 -1.89
N HIS A 385 20.46 -18.10 -0.75
CA HIS A 385 21.10 -18.26 0.56
CA HIS A 385 21.24 -18.28 0.47
C HIS A 385 21.16 -19.70 1.02
N GLN A 386 20.37 -20.58 0.41
CA GLN A 386 20.44 -22.00 0.72
C GLN A 386 21.23 -22.77 -0.34
N GLY A 387 21.88 -22.07 -1.25
CA GLY A 387 22.77 -22.70 -2.18
C GLY A 387 22.13 -23.26 -3.42
N MET A 388 20.85 -22.96 -3.68
CA MET A 388 20.17 -23.50 -4.84
C MET A 388 20.29 -22.53 -6.02
N PHE A 389 21.50 -22.50 -6.59
CA PHE A 389 21.83 -21.41 -7.49
C PHE A 389 21.00 -21.42 -8.78
N PRO A 390 20.84 -22.54 -9.49
CA PRO A 390 20.06 -22.46 -10.73
C PRO A 390 18.61 -22.05 -10.49
N GLN A 391 18.02 -22.57 -9.41
CA GLN A 391 16.63 -22.24 -9.12
C GLN A 391 16.52 -20.79 -8.67
N ALA A 392 17.44 -20.36 -7.79
CA ALA A 392 17.49 -18.97 -7.38
C ALA A 392 17.66 -18.07 -8.60
N MET A 393 18.60 -18.41 -9.48
CA MET A 393 18.83 -17.54 -10.63
C MET A 393 17.58 -17.40 -11.49
N LYS A 394 16.85 -18.50 -11.69
CA LYS A 394 15.65 -18.42 -12.52
C LYS A 394 14.63 -17.47 -11.87
N ASN A 395 14.48 -17.57 -10.57
CA ASN A 395 13.49 -16.73 -9.91
C ASN A 395 13.96 -15.28 -9.81
N LEU A 396 15.24 -15.07 -9.52
CA LEU A 396 15.76 -13.70 -9.50
C LEU A 396 15.61 -13.04 -10.87
N ARG A 397 15.84 -13.79 -11.97
CA ARG A 397 15.62 -13.24 -13.30
C ARG A 397 14.15 -12.93 -13.54
N LEU A 398 13.26 -13.80 -13.07
CA LEU A 398 11.83 -13.55 -13.19
C LEU A 398 11.44 -12.31 -12.40
N ALA A 399 11.98 -12.18 -11.20
CA ALA A 399 11.71 -11.01 -10.38
C ALA A 399 12.18 -9.76 -11.09
N PHE A 400 13.33 -9.84 -11.76
CA PHE A 400 13.84 -8.70 -12.49
C PHE A 400 12.97 -8.38 -13.72
N ASP A 401 12.50 -9.40 -14.44
CA ASP A 401 11.60 -9.17 -15.56
C ASP A 401 10.37 -8.39 -15.11
N ILE A 402 9.83 -8.72 -13.93
CA ILE A 402 8.65 -8.02 -13.43
C ILE A 402 9.03 -6.65 -12.87
N MET A 403 10.07 -6.61 -12.07
CA MET A 403 10.38 -5.43 -11.28
C MET A 403 11.04 -4.37 -12.12
N ARG A 404 11.65 -4.72 -13.25
CA ARG A 404 12.12 -3.70 -14.19
C ARG A 404 10.94 -2.91 -14.73
N VAL A 405 9.76 -3.53 -14.83
CA VAL A 405 8.57 -2.83 -15.24
C VAL A 405 7.89 -2.10 -14.07
N THR A 406 7.78 -2.76 -12.92
CA THR A 406 6.93 -2.24 -11.84
C THR A 406 7.67 -1.31 -10.88
N HIS A 407 8.98 -1.48 -10.73
CA HIS A 407 9.81 -0.72 -9.82
C HIS A 407 10.74 0.21 -10.58
N GLY A 408 11.53 -0.34 -11.49
CA GLY A 408 12.38 0.46 -12.33
C GLY A 408 13.64 0.92 -11.61
N ARG A 409 14.50 1.58 -12.39
CA ARG A 409 15.82 1.95 -11.89
C ARG A 409 15.76 2.99 -10.78
N GLU A 410 14.71 3.81 -10.76
CA GLU A 410 14.51 4.84 -9.75
C GLU A 410 14.19 4.28 -8.38
N HIS A 411 13.87 2.99 -8.29
CA HIS A 411 13.52 2.35 -7.04
C HIS A 411 14.72 1.61 -6.49
N SER A 412 15.02 1.85 -5.22
CA SER A 412 16.26 1.31 -4.61
C SER A 412 16.24 -0.22 -4.52
N LEU A 413 15.05 -0.84 -4.48
CA LEU A 413 14.99 -2.29 -4.39
C LEU A 413 15.59 -2.95 -5.62
N ILE A 414 15.51 -2.28 -6.78
CA ILE A 414 16.07 -2.83 -8.01
C ILE A 414 17.58 -2.97 -7.87
N GLU A 415 18.23 -2.02 -7.18
CA GLU A 415 19.66 -2.15 -6.94
C GLU A 415 19.96 -3.35 -6.07
N ASP A 416 19.16 -3.58 -5.03
CA ASP A 416 19.32 -4.77 -4.20
C ASP A 416 19.18 -6.05 -5.02
N LEU A 417 18.22 -6.05 -5.96
CA LEU A 417 17.99 -7.24 -6.77
C LEU A 417 19.15 -7.47 -7.72
N ILE A 418 19.69 -6.40 -8.31
CA ILE A 418 20.82 -6.56 -9.22
C ILE A 418 22.00 -7.19 -8.49
N LEU A 419 22.22 -6.79 -7.23
CA LEU A 419 23.27 -7.36 -6.42
C LEU A 419 23.06 -8.86 -6.24
N LEU A 420 21.84 -9.28 -5.90
CA LEU A 420 21.56 -10.70 -5.79
C LEU A 420 21.77 -11.42 -7.13
N LEU A 421 21.42 -10.76 -8.24
CA LEU A 421 21.63 -11.41 -9.54
C LEU A 421 23.11 -11.61 -9.83
N GLU A 422 23.91 -10.58 -9.60
CA GLU A 422 25.36 -10.71 -9.78
C GLU A 422 25.95 -11.76 -8.85
N GLU A 423 25.53 -11.79 -7.58
CA GLU A 423 26.04 -12.78 -6.65
C GLU A 423 25.70 -14.20 -7.12
N CYS A 424 24.42 -14.43 -7.46
CA CYS A 424 24.02 -15.75 -7.93
C CYS A 424 24.75 -16.14 -9.21
N ASP A 425 24.89 -15.20 -10.16
CA ASP A 425 25.58 -15.52 -11.40
C ASP A 425 27.04 -15.86 -11.14
N ALA A 426 27.69 -15.10 -10.26
CA ALA A 426 29.07 -15.44 -9.88
C ALA A 426 29.15 -16.88 -9.38
N ASN A 427 28.18 -17.29 -8.56
CA ASN A 427 28.24 -18.64 -8.00
C ASN A 427 28.09 -19.69 -9.11
N ILE A 428 27.24 -19.42 -10.09
CA ILE A 428 27.06 -20.37 -11.19
C ILE A 428 28.31 -20.43 -12.05
N ARG A 429 28.97 -19.29 -12.25
CA ARG A 429 30.20 -19.31 -13.06
C ARG A 429 31.32 -20.07 -12.35
N ALA A 430 31.32 -20.12 -11.01
CA ALA A 430 32.41 -20.75 -10.25
C ALA A 430 32.39 -22.28 -10.32
N SER A 431 32.03 -22.85 -11.47
CA SER A 431 32.00 -24.31 -11.64
C SER A 431 32.56 -24.73 -13.01
#